data_3N71
#
_entry.id   3N71
#
_cell.length_a   170.500
_cell.length_b   170.500
_cell.length_c   57.100
_cell.angle_alpha   90.00
_cell.angle_beta   90.00
_cell.angle_gamma   120.00
#
_symmetry.space_group_name_H-M   'H 3'
#
loop_
_entity.id
_entity.type
_entity.pdbx_description
1 polymer 'Histone lysine methyltransferase SmyD1'
2 non-polymer SINEFUNGIN
3 non-polymer '2-(N-MORPHOLINO)-ETHANESULFONIC ACID'
4 non-polymer GLYCEROL
5 non-polymer 'ZINC ION'
6 water water
#
_entity_poly.entity_id   1
_entity_poly.type   'polypeptide(L)'
_entity_poly.pdbx_seq_one_letter_code
;MTIGSMENVEVFTSEGKGRGLKATKEFWAADVIFAERAYSAVVFDSLINFVCHTCFKRQEKLHRCGQCKFAHYCDRTCQK
DAWLNHKNECAAIKKYGKVPNENIRLAARIMWRVEREGTGLTEGCLVSVDDLQNHVEHFGEEEQKELRVDVDTFLQYWPP
QSQQFSMQYISHIFGVINCNGFTLSDQRGLQAVGVGIFPNLGLVNHDCWPNCTVIFNNGNHEAVKSMFHTQMRIELRALG
KISEGEELTVSYIDFLHLSEERRRQLKKQYYFDCSCEHCQKGLKDDLFLAAKEDPKPSQEVVKEMIQFSKDTLEKIDKAR
SEGLYHEVVKLCRECLEKQEPVFADTNLYVLRLLSIASEVLSYLQAYEEASHYARRMVDGYMKLYHHNNAQLGMAVMRAG
LTNWHAGHIEVGHGMICKAYAILLVTHGPSHPITKDLEAMRMQTEMELRMFRQNEFMYHKMREAALNNQPMQVMAEPSNE
PAPALFHKKQ
;
_entity_poly.pdbx_strand_id   A
#
loop_
_chem_comp.id
_chem_comp.type
_chem_comp.name
_chem_comp.formula
GOL non-polymer GLYCEROL 'C3 H8 O3'
MES non-polymer '2-(N-MORPHOLINO)-ETHANESULFONIC ACID' 'C6 H13 N O4 S'
SFG non-polymer SINEFUNGIN 'C15 H23 N7 O5'
ZN non-polymer 'ZINC ION' 'Zn 2'
#
# COMPACT_ATOMS: atom_id res chain seq x y z
N MET A 1 0.77 -19.68 -13.40
CA MET A 1 0.16 -20.87 -12.71
C MET A 1 -1.18 -20.41 -12.17
N THR A 2 -1.80 -21.15 -11.25
CA THR A 2 -3.11 -20.66 -10.82
C THR A 2 -3.34 -20.16 -9.42
N ILE A 3 -4.22 -19.16 -9.35
CA ILE A 3 -4.60 -18.51 -8.11
C ILE A 3 -4.94 -19.55 -7.05
N GLY A 4 -4.25 -19.48 -5.92
CA GLY A 4 -4.50 -20.43 -4.84
C GLY A 4 -3.40 -21.47 -4.69
N SER A 5 -2.75 -21.84 -5.80
CA SER A 5 -1.71 -22.85 -5.72
C SER A 5 -0.45 -22.35 -5.00
N MET A 6 0.02 -23.15 -4.06
CA MET A 6 1.19 -22.81 -3.26
C MET A 6 2.44 -23.65 -3.52
N GLU A 7 2.52 -24.26 -4.69
CA GLU A 7 3.66 -25.09 -5.04
C GLU A 7 5.03 -24.43 -4.91
N ASN A 8 5.12 -23.16 -5.28
CA ASN A 8 6.39 -22.44 -5.21
C ASN A 8 6.87 -22.14 -3.80
N VAL A 9 6.10 -22.56 -2.80
CA VAL A 9 6.47 -22.31 -1.41
C VAL A 9 6.12 -23.46 -0.49
N GLU A 10 6.71 -23.44 0.71
CA GLU A 10 6.42 -24.45 1.71
C GLU A 10 6.60 -23.80 3.06
N VAL A 11 5.84 -24.26 4.04
CA VAL A 11 5.93 -23.72 5.38
C VAL A 11 7.12 -24.33 6.08
N PHE A 12 7.70 -23.59 7.02
CA PHE A 12 8.83 -24.08 7.79
C PHE A 12 8.90 -23.26 9.07
N THR A 13 9.55 -23.83 10.10
CA THR A 13 9.66 -23.17 11.39
C THR A 13 10.92 -22.33 11.52
N SER A 14 10.75 -21.08 11.96
CA SER A 14 11.85 -20.15 12.14
C SER A 14 12.28 -20.16 13.60
N GLU A 15 13.45 -19.57 13.85
CA GLU A 15 14.05 -19.48 15.18
C GLU A 15 13.12 -18.99 16.29
N GLY A 16 12.77 -17.71 16.21
CA GLY A 16 11.86 -17.12 17.17
C GLY A 16 10.82 -16.38 16.34
N LYS A 17 10.91 -16.59 15.03
CA LYS A 17 10.00 -15.97 14.10
C LYS A 17 8.80 -16.86 13.84
N GLY A 18 8.68 -17.94 14.59
CA GLY A 18 7.58 -18.86 14.41
C GLY A 18 7.57 -19.44 12.99
N ARG A 19 6.41 -19.53 12.39
CA ARG A 19 6.31 -20.05 11.04
C ARG A 19 6.75 -19.05 9.98
N GLY A 20 7.20 -19.58 8.84
CA GLY A 20 7.64 -18.76 7.74
C GLY A 20 7.46 -19.51 6.43
N LEU A 21 7.78 -18.85 5.32
CA LEU A 21 7.66 -19.44 4.00
C LEU A 21 8.97 -19.38 3.25
N LYS A 22 9.31 -20.47 2.56
CA LYS A 22 10.53 -20.53 1.78
C LYS A 22 10.26 -20.94 0.35
N ALA A 23 11.13 -20.50 -0.55
CA ALA A 23 10.97 -20.81 -1.96
C ALA A 23 11.34 -22.25 -2.27
N THR A 24 10.50 -22.92 -3.04
CA THR A 24 10.77 -24.30 -3.42
C THR A 24 11.56 -24.31 -4.72
N LYS A 25 11.78 -23.13 -5.27
CA LYS A 25 12.56 -23.00 -6.49
C LYS A 25 13.18 -21.62 -6.61
N GLU A 26 13.84 -21.37 -7.73
CA GLU A 26 14.52 -20.10 -7.97
C GLU A 26 13.55 -19.05 -8.50
N PHE A 27 13.73 -17.80 -8.07
CA PHE A 27 12.87 -16.70 -8.52
C PHE A 27 13.63 -15.47 -9.00
N TRP A 28 13.04 -14.71 -9.90
CA TRP A 28 13.65 -13.48 -10.40
C TRP A 28 12.68 -12.31 -10.28
N ALA A 29 13.23 -11.10 -10.17
CA ALA A 29 12.41 -9.90 -10.03
C ALA A 29 11.20 -10.00 -10.95
N ALA A 30 10.04 -9.56 -10.45
CA ALA A 30 8.77 -9.56 -11.20
C ALA A 30 8.05 -10.91 -11.27
N ASP A 31 8.69 -11.98 -10.79
CA ASP A 31 8.04 -13.29 -10.79
C ASP A 31 6.94 -13.32 -9.73
N VAL A 32 5.82 -13.93 -10.09
CA VAL A 32 4.68 -14.07 -9.18
C VAL A 32 4.90 -15.37 -8.41
N ILE A 33 5.32 -15.25 -7.15
CA ILE A 33 5.57 -16.43 -6.33
C ILE A 33 4.28 -17.22 -6.09
N PHE A 34 3.18 -16.48 -5.87
CA PHE A 34 1.83 -17.05 -5.74
C PHE A 34 0.78 -15.94 -5.63
N ALA A 35 -0.45 -16.26 -6.00
CA ALA A 35 -1.55 -15.30 -5.95
C ALA A 35 -2.55 -15.90 -4.99
N GLU A 36 -3.48 -15.08 -4.50
CA GLU A 36 -4.44 -15.57 -3.53
C GLU A 36 -5.66 -14.66 -3.48
N ARG A 37 -6.84 -15.28 -3.51
CA ARG A 37 -8.09 -14.55 -3.41
C ARG A 37 -8.34 -14.33 -1.92
N ALA A 38 -9.06 -13.27 -1.59
CA ALA A 38 -9.35 -12.96 -0.20
C ALA A 38 -10.22 -14.07 0.38
N TYR A 39 -9.94 -14.45 1.63
CA TYR A 39 -10.74 -15.47 2.28
C TYR A 39 -12.04 -14.80 2.65
N SER A 40 -11.95 -13.51 2.97
CA SER A 40 -13.08 -12.64 3.34
C SER A 40 -12.59 -11.20 3.27
N ALA A 41 -13.47 -10.29 2.90
CA ALA A 41 -13.11 -8.89 2.80
C ALA A 41 -14.31 -7.97 2.93
N VAL A 42 -14.12 -6.83 3.60
CA VAL A 42 -15.19 -5.85 3.76
C VAL A 42 -14.75 -4.41 3.54
N VAL A 43 -15.70 -3.56 3.19
CA VAL A 43 -15.42 -2.16 2.97
C VAL A 43 -15.36 -1.43 4.31
N PHE A 44 -14.47 -0.46 4.43
CA PHE A 44 -14.37 0.32 5.66
C PHE A 44 -15.68 1.04 5.90
N ASP A 45 -15.99 1.28 7.17
CA ASP A 45 -17.22 1.98 7.52
C ASP A 45 -17.31 3.37 6.86
N SER A 46 -16.17 4.08 6.72
CA SER A 46 -16.13 5.42 6.12
C SER A 46 -16.67 5.43 4.71
N LEU A 47 -16.30 4.39 3.97
CA LEU A 47 -16.63 4.31 2.56
C LEU A 47 -17.69 3.33 2.11
N ILE A 48 -18.74 3.16 2.90
CA ILE A 48 -19.79 2.21 2.51
C ILE A 48 -20.61 2.56 1.26
N ASN A 49 -20.78 3.84 0.97
CA ASN A 49 -21.59 4.25 -0.18
C ASN A 49 -20.74 4.79 -1.31
N PHE A 50 -19.42 4.64 -1.20
CA PHE A 50 -18.53 5.17 -2.21
C PHE A 50 -17.60 4.15 -2.82
N VAL A 51 -17.71 2.90 -2.39
CA VAL A 51 -16.84 1.86 -2.90
C VAL A 51 -17.61 0.56 -3.17
N CYS A 52 -17.24 -0.14 -4.24
CA CYS A 52 -17.90 -1.40 -4.54
C CYS A 52 -17.56 -2.47 -3.46
N HIS A 53 -18.58 -3.11 -2.91
CA HIS A 53 -18.41 -4.12 -1.87
C HIS A 53 -17.90 -5.43 -2.39
N THR A 54 -17.85 -5.55 -3.71
CA THR A 54 -17.38 -6.76 -4.34
C THR A 54 -15.96 -6.59 -4.80
N CYS A 55 -15.71 -5.46 -5.47
CA CYS A 55 -14.39 -5.25 -6.02
C CYS A 55 -13.52 -4.12 -5.48
N PHE A 56 -14.05 -3.31 -4.57
CA PHE A 56 -13.31 -2.22 -3.94
C PHE A 56 -12.84 -1.07 -4.83
N LYS A 57 -13.50 -0.90 -5.96
CA LYS A 57 -13.19 0.21 -6.86
C LYS A 57 -14.03 1.41 -6.47
N ARG A 58 -13.47 2.60 -6.62
CA ARG A 58 -14.22 3.82 -6.33
C ARG A 58 -14.94 4.04 -7.64
N GLN A 59 -16.00 4.85 -7.61
CA GLN A 59 -16.76 5.17 -8.82
C GLN A 59 -17.85 6.17 -8.52
N GLU A 60 -18.17 6.99 -9.52
CA GLU A 60 -19.17 8.04 -9.39
C GLU A 60 -20.61 7.53 -9.33
N LYS A 61 -20.85 6.34 -9.85
CA LYS A 61 -22.20 5.78 -9.81
C LYS A 61 -22.23 4.31 -9.43
N LEU A 62 -22.66 4.04 -8.20
CA LEU A 62 -22.75 2.67 -7.70
C LEU A 62 -24.23 2.34 -7.54
N HIS A 63 -24.56 1.05 -7.57
CA HIS A 63 -25.94 0.63 -7.42
C HIS A 63 -26.15 -0.11 -6.10
N ARG A 64 -26.89 0.52 -5.19
CA ARG A 64 -27.18 -0.05 -3.88
C ARG A 64 -28.07 -1.28 -3.97
N CYS A 65 -27.99 -2.13 -2.97
CA CYS A 65 -28.81 -3.34 -2.91
C CYS A 65 -30.16 -2.93 -2.35
N GLY A 66 -31.20 -3.02 -3.17
CA GLY A 66 -32.53 -2.64 -2.73
C GLY A 66 -32.96 -3.23 -1.39
N GLN A 67 -32.48 -4.42 -1.07
CA GLN A 67 -32.86 -5.10 0.17
C GLN A 67 -32.23 -4.63 1.48
N CYS A 68 -31.00 -4.12 1.44
CA CYS A 68 -30.35 -3.68 2.69
C CYS A 68 -29.89 -2.21 2.73
N LYS A 69 -29.80 -1.57 1.56
CA LYS A 69 -29.37 -0.17 1.50
C LYS A 69 -27.96 0.03 2.05
N PHE A 70 -27.21 -1.06 2.14
CA PHE A 70 -25.83 -1.06 2.65
C PHE A 70 -24.81 -1.39 1.55
N ALA A 71 -24.96 -2.56 0.95
CA ALA A 71 -24.04 -2.99 -0.09
C ALA A 71 -24.20 -2.15 -1.34
N HIS A 72 -23.08 -1.79 -1.96
CA HIS A 72 -23.10 -1.01 -3.19
C HIS A 72 -22.21 -1.72 -4.20
N TYR A 73 -22.55 -1.59 -5.47
CA TYR A 73 -21.78 -2.27 -6.49
C TYR A 73 -21.59 -1.45 -7.75
N CYS A 74 -20.63 -1.87 -8.58
CA CYS A 74 -20.35 -1.20 -9.83
C CYS A 74 -21.47 -1.59 -10.80
N ASP A 75 -21.72 -2.90 -10.88
CA ASP A 75 -22.73 -3.46 -11.77
C ASP A 75 -23.59 -4.48 -11.06
N ARG A 76 -24.49 -5.07 -11.85
CA ARG A 76 -25.35 -6.12 -11.38
C ARG A 76 -24.40 -7.29 -11.37
N THR A 77 -23.34 -7.16 -12.18
CA THR A 77 -22.31 -8.20 -12.27
C THR A 77 -21.58 -8.33 -10.93
N CYS A 78 -21.03 -7.22 -10.42
CA CYS A 78 -20.33 -7.26 -9.15
C CYS A 78 -21.32 -7.66 -8.06
N GLN A 79 -22.60 -7.32 -8.29
CA GLN A 79 -23.66 -7.65 -7.33
C GLN A 79 -23.92 -9.16 -7.30
N LYS A 80 -23.86 -9.80 -8.46
CA LYS A 80 -24.08 -11.24 -8.53
C LYS A 80 -22.92 -11.96 -7.86
N ASP A 81 -21.70 -11.62 -8.26
CA ASP A 81 -20.51 -12.24 -7.69
C ASP A 81 -20.44 -12.09 -6.18
N ALA A 82 -21.08 -11.06 -5.64
CA ALA A 82 -21.08 -10.80 -4.20
C ALA A 82 -22.17 -11.57 -3.43
N TRP A 83 -23.22 -11.96 -4.15
CA TRP A 83 -24.33 -12.66 -3.50
C TRP A 83 -23.87 -13.79 -2.57
N LEU A 84 -23.00 -14.66 -3.05
CA LEU A 84 -22.52 -15.77 -2.22
C LEU A 84 -22.17 -15.37 -0.78
N ASN A 85 -21.41 -14.31 -0.63
CA ASN A 85 -21.01 -13.85 0.69
C ASN A 85 -21.98 -12.85 1.29
N HIS A 86 -22.71 -12.17 0.43
CA HIS A 86 -23.63 -11.14 0.89
C HIS A 86 -25.04 -11.61 1.33
N LYS A 87 -25.47 -12.78 0.84
CA LYS A 87 -26.79 -13.31 1.20
C LYS A 87 -27.03 -13.17 2.70
N ASN A 88 -26.21 -13.87 3.48
CA ASN A 88 -26.32 -13.87 4.93
C ASN A 88 -26.20 -12.53 5.64
N GLU A 89 -25.22 -11.69 5.29
CA GLU A 89 -25.12 -10.40 5.99
C GLU A 89 -26.24 -9.48 5.57
N CYS A 90 -26.75 -9.65 4.35
CA CYS A 90 -27.85 -8.81 3.88
C CYS A 90 -29.01 -9.09 4.82
N ALA A 91 -29.46 -10.34 4.79
CA ALA A 91 -30.57 -10.79 5.63
C ALA A 91 -30.29 -10.53 7.09
N ALA A 92 -29.01 -10.57 7.47
CA ALA A 92 -28.60 -10.34 8.85
C ALA A 92 -28.59 -8.88 9.25
N ILE A 93 -28.36 -7.99 8.29
CA ILE A 93 -28.34 -6.57 8.59
C ILE A 93 -29.76 -6.06 8.72
N LYS A 94 -30.64 -6.55 7.87
CA LYS A 94 -32.03 -6.14 7.90
C LYS A 94 -32.56 -6.49 9.29
N LYS A 95 -32.22 -7.69 9.78
CA LYS A 95 -32.68 -8.13 11.10
C LYS A 95 -32.10 -7.31 12.25
N TYR A 96 -30.85 -6.87 12.11
CA TYR A 96 -30.21 -6.09 13.16
C TYR A 96 -30.66 -4.63 13.02
N GLY A 97 -31.01 -4.24 11.79
CA GLY A 97 -31.46 -2.88 11.52
C GLY A 97 -30.41 -1.80 11.75
N LYS A 98 -29.17 -2.24 11.76
CA LYS A 98 -28.01 -1.39 12.01
C LYS A 98 -26.83 -1.99 11.22
N VAL A 99 -25.80 -1.20 10.95
CA VAL A 99 -24.63 -1.73 10.24
C VAL A 99 -23.48 -1.80 11.24
N PRO A 100 -23.06 -3.02 11.60
CA PRO A 100 -21.98 -3.21 12.55
C PRO A 100 -20.61 -2.70 12.09
N ASN A 101 -19.70 -2.66 13.05
CA ASN A 101 -18.31 -2.27 12.89
C ASN A 101 -17.78 -3.00 11.66
N GLU A 102 -16.70 -2.50 11.09
CA GLU A 102 -16.13 -3.18 9.94
C GLU A 102 -15.50 -4.50 10.42
N ASN A 103 -14.95 -4.49 11.63
CA ASN A 103 -14.33 -5.68 12.20
C ASN A 103 -15.39 -6.75 12.44
N ILE A 104 -16.53 -6.30 12.94
CA ILE A 104 -17.65 -7.19 13.21
C ILE A 104 -18.14 -7.86 11.93
N ARG A 105 -18.30 -7.07 10.87
CA ARG A 105 -18.77 -7.58 9.60
C ARG A 105 -17.80 -8.60 9.04
N LEU A 106 -16.51 -8.30 9.18
CA LEU A 106 -15.51 -9.21 8.68
C LEU A 106 -15.51 -10.52 9.47
N ALA A 107 -15.61 -10.43 10.78
CA ALA A 107 -15.60 -11.63 11.61
C ALA A 107 -16.78 -12.52 11.23
N ALA A 108 -17.91 -11.91 10.91
CA ALA A 108 -19.11 -12.64 10.53
C ALA A 108 -18.94 -13.32 9.18
N ARG A 109 -18.25 -12.65 8.26
CA ARG A 109 -18.05 -13.25 6.94
C ARG A 109 -17.13 -14.44 7.07
N ILE A 110 -16.14 -14.32 7.95
CA ILE A 110 -15.20 -15.40 8.18
C ILE A 110 -15.93 -16.61 8.77
N MET A 111 -16.82 -16.37 9.72
CA MET A 111 -17.52 -17.49 10.33
C MET A 111 -18.61 -18.06 9.45
N TRP A 112 -19.23 -17.22 8.61
CA TRP A 112 -20.25 -17.73 7.70
C TRP A 112 -19.56 -18.68 6.72
N ARG A 113 -18.34 -18.31 6.33
CA ARG A 113 -17.61 -19.15 5.40
C ARG A 113 -17.15 -20.43 6.09
N VAL A 114 -16.70 -20.35 7.34
CA VAL A 114 -16.27 -21.56 8.04
C VAL A 114 -17.45 -22.53 8.14
N GLU A 115 -18.63 -21.96 8.37
CA GLU A 115 -19.85 -22.75 8.47
C GLU A 115 -20.13 -23.38 7.11
N ARG A 116 -20.30 -22.53 6.10
CA ARG A 116 -20.58 -22.95 4.73
C ARG A 116 -19.65 -24.09 4.29
N GLU A 117 -18.35 -23.90 4.48
CA GLU A 117 -17.36 -24.88 4.10
C GLU A 117 -17.05 -25.88 5.21
N GLY A 118 -17.78 -25.78 6.31
CA GLY A 118 -17.59 -26.68 7.42
C GLY A 118 -16.14 -26.92 7.81
N THR A 119 -15.32 -25.89 7.67
CA THR A 119 -13.91 -25.96 8.02
C THR A 119 -13.23 -24.63 7.77
N GLY A 120 -12.15 -24.37 8.48
CA GLY A 120 -11.43 -23.13 8.30
C GLY A 120 -10.29 -23.20 7.30
N LEU A 121 -10.00 -24.42 6.85
CA LEU A 121 -8.94 -24.66 5.88
C LEU A 121 -9.49 -24.52 4.48
N THR A 122 -8.79 -23.74 3.66
CA THR A 122 -9.18 -23.56 2.28
C THR A 122 -8.37 -24.56 1.46
N GLU A 123 -8.90 -24.97 0.32
CA GLU A 123 -8.22 -25.94 -0.55
C GLU A 123 -6.82 -25.54 -1.00
N GLY A 124 -6.51 -24.25 -1.04
CA GLY A 124 -5.18 -23.85 -1.43
C GLY A 124 -4.25 -24.00 -0.23
N CYS A 125 -4.84 -24.14 0.95
CA CYS A 125 -4.14 -23.78 2.19
C CYS A 125 -3.13 -24.66 2.93
N LEU A 126 -2.12 -23.85 3.23
CA LEU A 126 -0.99 -24.08 4.11
C LEU A 126 -1.54 -23.87 5.56
N VAL A 127 -2.55 -23.01 5.72
CA VAL A 127 -3.10 -22.73 7.04
C VAL A 127 -4.61 -22.44 6.99
N SER A 128 -5.33 -22.79 8.04
CA SER A 128 -6.77 -22.52 8.11
C SER A 128 -6.86 -21.13 8.70
N VAL A 129 -7.95 -20.42 8.42
CA VAL A 129 -8.10 -19.06 8.93
C VAL A 129 -8.00 -18.91 10.43
N ASP A 130 -8.41 -19.93 11.16
CA ASP A 130 -8.37 -19.86 12.61
C ASP A 130 -7.01 -20.20 13.24
N ASP A 131 -6.08 -20.66 12.41
CA ASP A 131 -4.77 -21.01 12.91
C ASP A 131 -3.74 -19.91 12.67
N LEU A 132 -4.18 -18.79 12.11
CA LEU A 132 -3.27 -17.66 11.86
C LEU A 132 -2.82 -17.13 13.22
N GLN A 133 -1.73 -16.36 13.24
CA GLN A 133 -1.25 -15.87 14.51
C GLN A 133 -2.21 -14.86 15.15
N ASN A 134 -2.30 -14.92 16.46
CA ASN A 134 -3.17 -14.04 17.22
C ASN A 134 -2.44 -13.59 18.49
N HIS A 135 -2.10 -12.31 18.56
CA HIS A 135 -1.40 -11.80 19.71
C HIS A 135 -2.34 -11.22 20.77
N VAL A 136 -3.55 -11.77 20.84
CA VAL A 136 -4.53 -11.31 21.80
C VAL A 136 -3.98 -11.21 23.23
N GLU A 137 -3.14 -12.18 23.62
CA GLU A 137 -2.56 -12.20 24.96
C GLU A 137 -1.61 -11.04 25.27
N HIS A 138 -1.39 -10.16 24.31
CA HIS A 138 -0.51 -9.02 24.52
C HIS A 138 -1.27 -7.73 24.27
N PHE A 139 -2.56 -7.84 24.01
CA PHE A 139 -3.37 -6.66 23.75
C PHE A 139 -3.42 -5.77 25.00
N GLY A 140 -3.29 -4.46 24.80
CA GLY A 140 -3.36 -3.55 25.92
C GLY A 140 -4.77 -3.49 26.47
N GLU A 141 -4.93 -2.86 27.63
CA GLU A 141 -6.24 -2.74 28.26
C GLU A 141 -7.29 -2.19 27.31
N GLU A 142 -6.93 -1.13 26.57
CA GLU A 142 -7.88 -0.55 25.63
C GLU A 142 -8.17 -1.54 24.53
N GLU A 143 -7.12 -2.26 24.11
CA GLU A 143 -7.26 -3.26 23.06
C GLU A 143 -8.25 -4.33 23.49
N GLN A 144 -8.08 -4.83 24.71
CA GLN A 144 -8.97 -5.86 25.26
C GLN A 144 -10.41 -5.38 25.39
N LYS A 145 -10.61 -4.22 26.01
CA LYS A 145 -11.97 -3.70 26.18
C LYS A 145 -12.64 -3.58 24.81
N GLU A 146 -11.86 -3.11 23.86
CA GLU A 146 -12.33 -2.92 22.49
C GLU A 146 -12.85 -4.25 21.94
N LEU A 147 -12.16 -5.33 22.28
CA LEU A 147 -12.56 -6.65 21.81
C LEU A 147 -13.83 -7.16 22.49
N ARG A 148 -14.01 -6.86 23.77
CA ARG A 148 -15.21 -7.30 24.48
C ARG A 148 -16.46 -6.66 23.87
N VAL A 149 -16.36 -5.38 23.55
CA VAL A 149 -17.48 -4.65 22.96
C VAL A 149 -17.91 -5.25 21.61
N ASP A 150 -16.93 -5.49 20.73
CA ASP A 150 -17.24 -6.07 19.43
C ASP A 150 -17.83 -7.47 19.54
N VAL A 151 -17.33 -8.29 20.46
CA VAL A 151 -17.87 -9.63 20.61
C VAL A 151 -19.34 -9.52 20.98
N ASP A 152 -19.64 -8.57 21.87
CA ASP A 152 -21.03 -8.38 22.29
C ASP A 152 -21.90 -7.92 21.13
N THR A 153 -21.41 -6.95 20.35
CA THR A 153 -22.18 -6.47 19.21
C THR A 153 -22.35 -7.64 18.25
N PHE A 154 -21.27 -8.41 18.09
CA PHE A 154 -21.30 -9.57 17.20
C PHE A 154 -22.47 -10.47 17.56
N LEU A 155 -22.56 -10.83 18.84
CA LEU A 155 -23.62 -11.71 19.33
C LEU A 155 -25.04 -11.25 19.00
N GLN A 156 -25.27 -9.94 19.01
CA GLN A 156 -26.59 -9.42 18.69
C GLN A 156 -26.82 -9.42 17.18
N TYR A 157 -25.73 -9.29 16.43
CA TYR A 157 -25.80 -9.26 14.97
C TYR A 157 -25.88 -10.68 14.39
N TRP A 158 -25.13 -11.62 14.98
CA TRP A 158 -25.08 -13.00 14.48
C TRP A 158 -26.40 -13.79 14.48
N PRO A 159 -26.89 -14.14 13.28
CA PRO A 159 -28.14 -14.90 13.14
C PRO A 159 -28.25 -16.10 14.08
N PRO A 160 -29.44 -16.33 14.63
CA PRO A 160 -29.70 -17.45 15.54
C PRO A 160 -29.71 -18.79 14.80
N GLN A 161 -30.08 -18.77 13.52
CA GLN A 161 -30.12 -20.00 12.71
C GLN A 161 -28.73 -20.41 12.20
N SER A 162 -27.74 -19.54 12.38
CA SER A 162 -26.39 -19.84 11.92
C SER A 162 -25.59 -20.58 12.98
N GLN A 163 -24.65 -21.39 12.51
CA GLN A 163 -23.79 -22.18 13.38
C GLN A 163 -23.32 -21.30 14.51
N GLN A 164 -23.48 -21.80 15.73
CA GLN A 164 -23.07 -21.06 16.91
C GLN A 164 -21.63 -21.41 17.26
N PHE A 165 -20.78 -20.40 17.32
CA PHE A 165 -19.38 -20.61 17.64
C PHE A 165 -19.21 -20.27 19.12
N SER A 166 -18.21 -20.86 19.76
CA SER A 166 -17.99 -20.58 21.18
C SER A 166 -17.38 -19.21 21.30
N MET A 167 -17.58 -18.58 22.45
CA MET A 167 -17.02 -17.26 22.67
C MET A 167 -15.52 -17.25 22.48
N GLN A 168 -14.87 -18.36 22.83
CA GLN A 168 -13.42 -18.45 22.69
C GLN A 168 -13.01 -18.39 21.21
N TYR A 169 -13.75 -19.09 20.36
CA TYR A 169 -13.44 -19.08 18.93
C TYR A 169 -13.75 -17.71 18.33
N ILE A 170 -14.83 -17.08 18.80
CA ILE A 170 -15.21 -15.78 18.30
C ILE A 170 -14.19 -14.69 18.67
N SER A 171 -13.80 -14.64 19.93
CA SER A 171 -12.83 -13.61 20.30
C SER A 171 -11.52 -13.89 19.58
N HIS A 172 -11.31 -15.16 19.24
CA HIS A 172 -10.08 -15.56 18.55
C HIS A 172 -10.09 -15.02 17.13
N ILE A 173 -11.22 -15.14 16.44
CA ILE A 173 -11.34 -14.62 15.08
C ILE A 173 -11.07 -13.12 15.10
N PHE A 174 -11.55 -12.44 16.14
CA PHE A 174 -11.30 -11.01 16.25
C PHE A 174 -9.81 -10.74 16.45
N GLY A 175 -9.16 -11.60 17.25
CA GLY A 175 -7.73 -11.41 17.49
C GLY A 175 -7.00 -11.56 16.17
N VAL A 176 -7.36 -12.59 15.42
CA VAL A 176 -6.75 -12.86 14.13
C VAL A 176 -6.93 -11.70 13.15
N ILE A 177 -8.07 -11.04 13.19
CA ILE A 177 -8.30 -9.91 12.29
C ILE A 177 -7.35 -8.75 12.61
N ASN A 178 -7.14 -8.48 13.89
CA ASN A 178 -6.25 -7.39 14.28
C ASN A 178 -4.80 -7.67 13.97
N CYS A 179 -4.40 -8.93 13.94
CA CYS A 179 -3.00 -9.25 13.68
C CYS A 179 -2.76 -9.83 12.28
N ASN A 180 -3.74 -9.71 11.38
CA ASN A 180 -3.61 -10.29 10.03
C ASN A 180 -4.34 -9.61 8.87
N GLY A 181 -5.05 -8.52 9.10
CA GLY A 181 -5.76 -7.89 7.99
C GLY A 181 -4.86 -7.24 6.94
N PHE A 182 -5.28 -7.28 5.69
CA PHE A 182 -4.52 -6.65 4.61
C PHE A 182 -5.38 -5.49 4.14
N THR A 183 -4.81 -4.29 4.17
CA THR A 183 -5.53 -3.10 3.75
C THR A 183 -5.77 -3.20 2.25
N LEU A 184 -6.97 -2.83 1.80
CA LEU A 184 -7.32 -2.87 0.39
C LEU A 184 -7.39 -1.44 -0.16
N SER A 185 -6.94 -1.24 -1.40
CA SER A 185 -6.93 0.08 -2.04
C SER A 185 -7.88 0.16 -3.23
N ASP A 186 -8.30 1.37 -3.59
CA ASP A 186 -9.16 1.57 -4.75
C ASP A 186 -8.28 1.24 -5.94
N GLN A 187 -8.86 1.16 -7.14
CA GLN A 187 -8.09 0.81 -8.32
C GLN A 187 -6.95 1.77 -8.69
N ARG A 188 -6.93 2.95 -8.07
CA ARG A 188 -5.88 3.92 -8.35
C ARG A 188 -4.84 3.96 -7.24
N GLY A 189 -4.95 3.03 -6.30
CA GLY A 189 -4.01 2.98 -5.19
C GLY A 189 -3.91 4.31 -4.46
N LEU A 190 -5.03 5.05 -4.41
CA LEU A 190 -5.03 6.35 -3.75
C LEU A 190 -5.40 6.26 -2.27
N GLN A 191 -6.48 5.58 -1.94
CA GLN A 191 -6.88 5.47 -0.55
C GLN A 191 -7.23 4.07 -0.08
N ALA A 192 -6.91 3.79 1.18
CA ALA A 192 -7.21 2.51 1.80
C ALA A 192 -8.74 2.45 1.90
N VAL A 193 -9.38 1.45 1.29
CA VAL A 193 -10.84 1.36 1.30
C VAL A 193 -11.44 0.13 2.00
N GLY A 194 -10.62 -0.81 2.40
CA GLY A 194 -11.17 -1.98 3.05
C GLY A 194 -10.10 -2.86 3.65
N VAL A 195 -10.53 -3.92 4.31
CA VAL A 195 -9.60 -4.84 4.94
C VAL A 195 -9.96 -6.27 4.56
N GLY A 196 -8.96 -7.06 4.21
CA GLY A 196 -9.23 -8.42 3.83
C GLY A 196 -8.32 -9.38 4.57
N ILE A 197 -8.68 -10.67 4.54
CA ILE A 197 -7.90 -11.72 5.19
C ILE A 197 -7.34 -12.65 4.12
N PHE A 198 -6.02 -12.74 4.04
CA PHE A 198 -5.39 -13.63 3.07
C PHE A 198 -4.46 -14.59 3.83
N PRO A 199 -5.00 -15.74 4.22
CA PRO A 199 -4.31 -16.81 4.96
C PRO A 199 -2.85 -17.09 4.60
N ASN A 200 -2.62 -17.46 3.35
CA ASN A 200 -1.27 -17.79 2.89
C ASN A 200 -0.30 -16.62 3.07
N LEU A 201 -0.74 -15.42 2.71
CA LEU A 201 0.13 -14.26 2.89
C LEU A 201 0.40 -14.13 4.38
N GLY A 202 -0.53 -14.64 5.20
CA GLY A 202 -0.37 -14.58 6.65
C GLY A 202 0.80 -15.36 7.25
N LEU A 203 1.45 -16.18 6.43
CA LEU A 203 2.57 -16.97 6.90
C LEU A 203 3.91 -16.32 6.58
N VAL A 204 3.89 -15.21 5.85
CA VAL A 204 5.14 -14.55 5.49
C VAL A 204 5.65 -13.57 6.55
N ASN A 205 6.91 -13.74 6.95
CA ASN A 205 7.52 -12.87 7.95
C ASN A 205 8.06 -11.54 7.42
N HIS A 206 8.37 -10.66 8.37
CA HIS A 206 8.85 -9.33 8.07
C HIS A 206 10.36 -9.13 8.01
N ASP A 207 10.77 -8.17 7.20
CA ASP A 207 12.16 -7.77 7.06
C ASP A 207 12.09 -6.34 6.51
N CYS A 208 12.82 -5.41 7.11
CA CYS A 208 12.78 -4.03 6.64
C CYS A 208 13.29 -3.82 5.20
N TRP A 209 14.06 -4.78 4.71
CA TRP A 209 14.60 -4.74 3.35
C TRP A 209 14.27 -6.14 2.81
N PRO A 210 12.99 -6.38 2.52
CA PRO A 210 12.42 -7.63 2.01
C PRO A 210 12.89 -8.05 0.62
N ASN A 211 12.61 -9.30 0.26
CA ASN A 211 12.97 -9.77 -1.07
C ASN A 211 11.70 -9.96 -1.88
N CYS A 212 10.57 -9.72 -1.22
CA CYS A 212 9.25 -9.83 -1.84
C CYS A 212 8.41 -8.59 -1.56
N THR A 213 7.39 -8.39 -2.38
CA THR A 213 6.48 -7.27 -2.25
C THR A 213 5.09 -7.81 -2.53
N VAL A 214 4.06 -7.19 -1.94
CA VAL A 214 2.69 -7.67 -2.13
C VAL A 214 1.83 -6.60 -2.80
N ILE A 215 0.93 -7.00 -3.69
CA ILE A 215 0.07 -6.04 -4.36
C ILE A 215 -1.36 -6.58 -4.47
N PHE A 216 -2.33 -5.71 -4.20
CA PHE A 216 -3.73 -6.09 -4.32
C PHE A 216 -4.17 -5.66 -5.71
N ASN A 217 -4.73 -6.59 -6.47
CA ASN A 217 -5.23 -6.31 -7.81
C ASN A 217 -6.75 -6.41 -7.78
N ASN A 218 -7.42 -5.27 -7.92
CA ASN A 218 -8.87 -5.22 -7.90
C ASN A 218 -9.56 -6.15 -8.90
N GLY A 219 -8.92 -6.42 -10.03
CA GLY A 219 -9.54 -7.28 -11.01
C GLY A 219 -10.43 -6.44 -11.92
N ASN A 220 -10.84 -7.02 -13.05
CA ASN A 220 -11.67 -6.32 -14.02
C ASN A 220 -12.55 -7.35 -14.72
N HIS A 221 -13.67 -6.91 -15.28
CA HIS A 221 -14.56 -7.80 -16.01
C HIS A 221 -15.16 -7.08 -17.23
N GLU A 222 -14.78 -7.55 -18.41
CA GLU A 222 -15.24 -6.98 -19.68
C GLU A 222 -15.13 -8.09 -20.72
N ALA A 223 -16.14 -8.95 -20.78
CA ALA A 223 -16.17 -10.10 -21.70
C ALA A 223 -15.06 -11.07 -21.25
N VAL A 224 -14.91 -12.21 -21.93
CA VAL A 224 -13.82 -13.18 -21.64
C VAL A 224 -13.65 -13.74 -20.20
N LYS A 225 -14.61 -14.54 -19.75
CA LYS A 225 -14.58 -15.08 -18.39
C LYS A 225 -13.42 -16.00 -17.96
N SER A 226 -13.19 -16.02 -16.64
CA SER A 226 -12.15 -16.83 -15.97
C SER A 226 -10.72 -16.68 -16.48
N MET A 227 -10.07 -15.57 -16.14
CA MET A 227 -8.69 -15.34 -16.57
C MET A 227 -7.85 -14.91 -15.38
N PHE A 228 -6.75 -15.62 -15.14
CA PHE A 228 -5.85 -15.35 -14.02
C PHE A 228 -5.58 -13.86 -13.80
N HIS A 229 -5.11 -13.17 -14.85
CA HIS A 229 -4.77 -11.76 -14.77
C HIS A 229 -5.90 -10.76 -14.47
N THR A 230 -7.15 -11.18 -14.61
CA THR A 230 -8.29 -10.28 -14.36
C THR A 230 -9.10 -10.65 -13.12
N GLN A 231 -8.58 -11.58 -12.32
CA GLN A 231 -9.25 -12.01 -11.08
C GLN A 231 -8.82 -11.16 -9.88
N MET A 232 -9.78 -10.75 -9.05
CA MET A 232 -9.42 -9.97 -7.88
C MET A 232 -8.51 -10.87 -7.06
N ARG A 233 -7.41 -10.33 -6.54
CA ARG A 233 -6.47 -11.17 -5.81
C ARG A 233 -5.32 -10.32 -5.31
N ILE A 234 -4.49 -10.91 -4.45
CA ILE A 234 -3.29 -10.23 -4.01
C ILE A 234 -2.21 -11.13 -4.61
N GLU A 235 -1.02 -10.59 -4.85
CA GLU A 235 0.08 -11.37 -5.38
C GLU A 235 1.31 -11.11 -4.53
N LEU A 236 2.16 -12.11 -4.41
CA LEU A 236 3.40 -11.98 -3.68
C LEU A 236 4.42 -12.05 -4.82
N ARG A 237 5.15 -10.96 -5.03
CA ARG A 237 6.13 -10.89 -6.11
C ARG A 237 7.57 -10.75 -5.67
N ALA A 238 8.49 -11.27 -6.49
CA ALA A 238 9.91 -11.20 -6.19
C ALA A 238 10.45 -9.83 -6.61
N LEU A 239 11.23 -9.22 -5.74
CA LEU A 239 11.83 -7.92 -6.01
C LEU A 239 13.22 -8.08 -6.58
N GLY A 240 13.66 -9.33 -6.65
CA GLY A 240 14.98 -9.64 -7.18
C GLY A 240 15.19 -11.13 -7.18
N LYS A 241 16.45 -11.56 -7.29
CA LYS A 241 16.76 -12.97 -7.30
C LYS A 241 16.59 -13.58 -5.92
N ILE A 242 15.84 -14.68 -5.86
CA ILE A 242 15.60 -15.42 -4.62
C ILE A 242 15.98 -16.88 -4.88
N SER A 243 16.94 -17.38 -4.10
CA SER A 243 17.41 -18.76 -4.27
C SER A 243 16.46 -19.79 -3.69
N GLU A 244 16.60 -21.03 -4.14
CA GLU A 244 15.77 -22.12 -3.67
C GLU A 244 16.14 -22.34 -2.20
N GLY A 245 15.12 -22.38 -1.34
CA GLY A 245 15.36 -22.57 0.07
C GLY A 245 15.44 -21.27 0.85
N GLU A 246 15.48 -20.15 0.13
CA GLU A 246 15.56 -18.85 0.79
C GLU A 246 14.20 -18.52 1.40
N GLU A 247 14.19 -18.00 2.63
CA GLU A 247 12.94 -17.62 3.29
C GLU A 247 12.37 -16.38 2.60
N LEU A 248 11.06 -16.35 2.38
CA LEU A 248 10.44 -15.21 1.72
C LEU A 248 10.03 -14.19 2.76
N THR A 249 10.18 -12.90 2.43
CA THR A 249 9.78 -11.88 3.39
C THR A 249 9.26 -10.63 2.69
N VAL A 250 8.42 -9.88 3.39
CA VAL A 250 7.86 -8.64 2.87
C VAL A 250 8.04 -7.67 4.02
N SER A 251 7.83 -6.40 3.76
CA SER A 251 7.96 -5.41 4.82
C SER A 251 6.57 -5.04 5.28
N TYR A 252 6.39 -4.99 6.60
CA TYR A 252 5.11 -4.66 7.20
C TYR A 252 4.95 -3.15 7.31
N ILE A 253 6.05 -2.42 7.20
CA ILE A 253 6.00 -0.97 7.34
C ILE A 253 6.81 -0.26 6.27
N ASP A 254 6.77 1.07 6.30
CA ASP A 254 7.53 1.82 5.32
C ASP A 254 8.95 1.86 5.83
N PHE A 255 9.90 1.80 4.89
CA PHE A 255 11.31 1.80 5.21
C PHE A 255 11.85 3.14 5.70
N LEU A 256 11.25 4.25 5.24
CA LEU A 256 11.71 5.59 5.58
C LEU A 256 11.59 6.08 7.03
N HIS A 257 12.27 5.37 7.93
CA HIS A 257 12.31 5.70 9.34
C HIS A 257 13.62 5.14 9.86
N LEU A 258 14.09 5.73 10.96
CA LEU A 258 15.31 5.26 11.59
C LEU A 258 15.10 3.84 12.11
N SER A 259 16.15 3.03 12.10
CA SER A 259 16.01 1.67 12.60
C SER A 259 15.30 1.69 13.97
N GLU A 260 15.69 2.57 14.88
CA GLU A 260 15.03 2.61 16.19
C GLU A 260 13.53 2.86 16.00
N GLU A 261 13.19 3.78 15.12
CA GLU A 261 11.80 4.12 14.84
C GLU A 261 11.05 2.90 14.29
N ARG A 262 11.64 2.20 13.33
CA ARG A 262 10.98 1.03 12.77
C ARG A 262 10.75 -0.02 13.86
N ARG A 263 11.76 -0.34 14.64
CA ARG A 263 11.60 -1.33 15.71
C ARG A 263 10.44 -0.98 16.63
N ARG A 264 10.31 0.30 16.95
CA ARG A 264 9.23 0.75 17.82
C ARG A 264 7.87 0.45 17.19
N GLN A 265 7.72 0.77 15.90
CA GLN A 265 6.46 0.52 15.21
C GLN A 265 6.19 -0.97 15.07
N LEU A 266 7.22 -1.74 14.74
CA LEU A 266 7.07 -3.17 14.59
C LEU A 266 6.72 -3.81 15.94
N LYS A 267 7.38 -3.36 17.00
CA LYS A 267 7.13 -3.89 18.34
C LYS A 267 5.70 -3.60 18.80
N LYS A 268 5.23 -2.40 18.55
CA LYS A 268 3.88 -2.01 18.95
C LYS A 268 2.76 -2.67 18.15
N GLN A 269 2.91 -2.74 16.83
CA GLN A 269 1.87 -3.34 16.00
C GLN A 269 1.99 -4.86 15.86
N TYR A 270 3.21 -5.38 15.86
CA TYR A 270 3.41 -6.82 15.68
C TYR A 270 4.12 -7.59 16.79
N TYR A 271 4.14 -6.99 17.98
CA TYR A 271 4.77 -7.60 19.13
C TYR A 271 6.06 -8.38 18.91
N PHE A 272 7.06 -7.76 18.29
CA PHE A 272 8.34 -8.43 18.12
C PHE A 272 9.48 -7.44 17.92
N ASP A 273 10.70 -7.89 18.19
CA ASP A 273 11.88 -7.04 18.04
C ASP A 273 12.56 -7.42 16.73
N CYS A 274 12.46 -6.54 15.74
CA CYS A 274 13.06 -6.83 14.45
C CYS A 274 14.57 -7.03 14.50
N SER A 275 15.04 -8.09 13.86
CA SER A 275 16.46 -8.39 13.87
C SER A 275 17.04 -8.52 12.47
N CYS A 276 16.44 -7.83 11.50
CA CYS A 276 16.97 -7.91 10.15
C CYS A 276 18.31 -7.17 10.13
N GLU A 277 19.09 -7.41 9.09
CA GLU A 277 20.40 -6.79 8.99
C GLU A 277 20.33 -5.27 9.03
N HIS A 278 19.29 -4.69 8.43
CA HIS A 278 19.18 -3.24 8.41
C HIS A 278 18.96 -2.61 9.78
N CYS A 279 18.20 -3.29 10.63
CA CYS A 279 17.95 -2.80 11.99
C CYS A 279 19.08 -3.09 12.98
N GLN A 280 19.77 -4.22 12.81
CA GLN A 280 20.87 -4.58 13.69
C GLN A 280 22.13 -3.76 13.42
N LYS A 281 22.32 -3.36 12.16
CA LYS A 281 23.48 -2.56 11.82
C LYS A 281 23.12 -1.09 11.64
N GLY A 282 21.82 -0.81 11.62
CA GLY A 282 21.39 0.57 11.44
C GLY A 282 21.77 1.11 10.08
N LEU A 283 21.70 0.25 9.06
CA LEU A 283 22.02 0.65 7.70
C LEU A 283 21.11 1.79 7.20
N LYS A 284 21.73 2.78 6.55
CA LYS A 284 21.03 3.94 6.01
C LYS A 284 20.76 5.03 7.04
N ASP A 285 20.95 4.74 8.33
CA ASP A 285 20.70 5.75 9.37
C ASP A 285 21.54 7.01 9.22
N ASP A 286 22.78 6.85 8.74
CA ASP A 286 23.64 8.00 8.52
C ASP A 286 22.94 8.87 7.46
N LEU A 287 22.54 8.24 6.37
CA LEU A 287 21.84 8.92 5.27
C LEU A 287 20.52 9.53 5.75
N PHE A 288 19.78 8.79 6.58
CA PHE A 288 18.51 9.28 7.10
C PHE A 288 18.69 10.60 7.87
N LEU A 289 19.81 10.75 8.56
CA LEU A 289 20.04 11.98 9.32
C LEU A 289 21.30 12.69 8.82
N ALA A 290 21.49 12.66 7.50
CA ALA A 290 22.64 13.26 6.85
C ALA A 290 22.71 14.76 6.98
N ALA A 291 23.87 15.25 7.39
CA ALA A 291 24.13 16.66 7.52
C ALA A 291 25.06 16.99 6.36
N LYS A 292 25.25 18.27 6.05
CA LYS A 292 26.13 18.60 4.95
C LYS A 292 27.58 18.52 5.33
N GLU A 293 28.46 18.73 4.35
CA GLU A 293 29.88 18.65 4.63
C GLU A 293 30.76 19.73 4.06
N ASP A 294 30.28 20.51 3.09
CA ASP A 294 31.16 21.57 2.59
C ASP A 294 31.52 22.35 3.87
N PRO A 295 30.52 22.88 4.62
CA PRO A 295 30.78 23.61 5.85
C PRO A 295 30.70 22.75 7.13
N LYS A 296 29.93 21.66 7.10
CA LYS A 296 29.81 20.71 8.24
C LYS A 296 29.21 21.21 9.57
N PRO A 297 27.88 21.39 9.62
CA PRO A 297 27.21 21.87 10.83
C PRO A 297 27.69 21.25 12.14
N SER A 298 27.67 22.05 13.21
CA SER A 298 28.10 21.57 14.52
C SER A 298 27.10 20.54 15.01
N GLN A 299 27.44 19.81 16.05
CA GLN A 299 26.56 18.78 16.59
C GLN A 299 25.31 19.43 17.17
N GLU A 300 25.39 20.73 17.43
CA GLU A 300 24.27 21.47 18.02
C GLU A 300 23.39 22.20 17.02
N VAL A 301 23.97 22.64 15.90
CA VAL A 301 23.18 23.31 14.89
C VAL A 301 22.21 22.28 14.33
N VAL A 302 22.62 21.01 14.41
CA VAL A 302 21.81 19.93 13.91
C VAL A 302 20.65 19.63 14.87
N LYS A 303 20.96 19.40 16.14
CA LYS A 303 19.92 19.11 17.12
C LYS A 303 18.82 20.17 17.11
N GLU A 304 19.21 21.43 16.91
CA GLU A 304 18.24 22.53 16.86
C GLU A 304 17.41 22.42 15.59
N MET A 305 18.09 22.08 14.49
CA MET A 305 17.44 21.95 13.20
C MET A 305 16.42 20.81 13.18
N ILE A 306 16.76 19.69 13.82
CA ILE A 306 15.85 18.55 13.87
C ILE A 306 14.64 18.91 14.72
N GLN A 307 14.90 19.57 15.83
CA GLN A 307 13.83 19.98 16.72
C GLN A 307 12.94 20.97 15.98
N PHE A 308 13.56 21.90 15.27
CA PHE A 308 12.80 22.89 14.52
C PHE A 308 11.94 22.23 13.45
N SER A 309 12.49 21.21 12.81
CA SER A 309 11.79 20.49 11.76
C SER A 309 10.64 19.69 12.37
N LYS A 310 10.93 19.07 13.50
CA LYS A 310 9.92 18.30 14.20
C LYS A 310 8.77 19.25 14.51
N ASP A 311 9.13 20.46 14.96
CA ASP A 311 8.15 21.50 15.29
C ASP A 311 7.35 21.91 14.07
N THR A 312 8.04 22.33 13.01
CA THR A 312 7.38 22.76 11.79
C THR A 312 6.41 21.71 11.27
N LEU A 313 6.84 20.45 11.23
CA LEU A 313 6.01 19.38 10.73
C LEU A 313 4.62 19.35 11.37
N GLU A 314 4.56 19.07 12.67
CA GLU A 314 3.28 19.00 13.38
C GLU A 314 2.44 20.26 13.14
N LYS A 315 3.12 21.39 12.98
CA LYS A 315 2.45 22.65 12.72
C LYS A 315 1.84 22.57 11.32
N ILE A 316 2.64 22.05 10.37
CA ILE A 316 2.19 21.87 8.99
C ILE A 316 1.00 20.91 8.96
N ASP A 317 1.01 19.90 9.83
CA ASP A 317 -0.09 18.94 9.89
C ASP A 317 -1.39 19.67 10.22
N LYS A 318 -1.40 20.33 11.37
CA LYS A 318 -2.58 21.09 11.79
C LYS A 318 -3.15 21.85 10.61
N ALA A 319 -2.36 22.79 10.10
CA ALA A 319 -2.75 23.61 8.97
C ALA A 319 -3.33 22.84 7.80
N ARG A 320 -2.73 21.68 7.51
CA ARG A 320 -3.19 20.84 6.41
C ARG A 320 -4.55 20.26 6.76
N SER A 321 -4.72 19.93 8.04
CA SER A 321 -5.98 19.37 8.54
C SER A 321 -7.10 20.40 8.57
N GLU A 322 -6.80 21.64 8.20
CA GLU A 322 -7.81 22.69 8.22
C GLU A 322 -7.97 23.30 6.83
N GLY A 323 -7.37 22.65 5.84
CA GLY A 323 -7.46 23.11 4.47
C GLY A 323 -6.75 24.43 4.22
N LEU A 324 -5.77 24.74 5.06
CA LEU A 324 -4.99 25.97 4.93
C LEU A 324 -3.74 25.69 4.11
N TYR A 325 -3.97 25.37 2.85
CA TYR A 325 -2.89 25.02 1.95
C TYR A 325 -1.78 26.02 1.72
N HIS A 326 -2.11 27.30 1.58
CA HIS A 326 -1.08 28.31 1.38
C HIS A 326 -0.19 28.39 2.61
N GLU A 327 -0.81 28.29 3.79
CA GLU A 327 -0.05 28.33 5.02
C GLU A 327 0.92 27.13 5.04
N VAL A 328 0.45 25.99 4.57
CA VAL A 328 1.26 24.77 4.51
C VAL A 328 2.48 25.00 3.65
N VAL A 329 2.27 25.57 2.46
CA VAL A 329 3.37 25.84 1.55
C VAL A 329 4.35 26.80 2.20
N LYS A 330 3.84 27.91 2.72
CA LYS A 330 4.67 28.92 3.40
C LYS A 330 5.61 28.22 4.40
N LEU A 331 5.03 27.43 5.30
CA LEU A 331 5.77 26.70 6.31
C LEU A 331 6.82 25.76 5.69
N CYS A 332 6.48 25.12 4.58
CA CYS A 332 7.41 24.21 3.93
C CYS A 332 8.59 24.97 3.34
N ARG A 333 8.33 26.03 2.60
CA ARG A 333 9.42 26.81 2.02
C ARG A 333 10.36 27.32 3.11
N GLU A 334 9.80 27.98 4.13
CA GLU A 334 10.63 28.53 5.20
C GLU A 334 11.52 27.49 5.86
N CYS A 335 10.96 26.34 6.20
CA CYS A 335 11.76 25.31 6.83
C CYS A 335 12.82 24.79 5.87
N LEU A 336 12.45 24.50 4.63
CA LEU A 336 13.44 24.00 3.67
C LEU A 336 14.60 24.97 3.54
N GLU A 337 14.30 26.27 3.56
CA GLU A 337 15.33 27.30 3.43
C GLU A 337 16.32 27.18 4.59
N LYS A 338 15.80 27.01 5.80
CA LYS A 338 16.65 26.91 6.99
C LYS A 338 17.42 25.60 7.07
N GLN A 339 16.91 24.56 6.41
CA GLN A 339 17.54 23.26 6.42
C GLN A 339 18.71 23.15 5.46
N GLU A 340 18.61 23.87 4.35
CA GLU A 340 19.64 23.83 3.31
C GLU A 340 21.10 23.74 3.77
N PRO A 341 21.54 24.66 4.65
CA PRO A 341 22.92 24.66 5.17
C PRO A 341 23.24 23.53 6.12
N VAL A 342 22.22 22.89 6.65
CA VAL A 342 22.42 21.81 7.61
C VAL A 342 22.21 20.38 7.10
N PHE A 343 20.99 20.07 6.64
CA PHE A 343 20.68 18.73 6.15
C PHE A 343 20.97 18.47 4.69
N ALA A 344 21.32 17.22 4.37
CA ALA A 344 21.55 16.84 2.98
C ALA A 344 20.18 16.41 2.48
N ASP A 345 20.05 16.07 1.21
CA ASP A 345 18.73 15.71 0.71
C ASP A 345 18.24 14.27 0.94
N THR A 346 18.98 13.48 1.72
CA THR A 346 18.51 12.13 2.03
C THR A 346 17.99 12.18 3.45
N ASN A 347 18.19 13.32 4.10
CA ASN A 347 17.71 13.49 5.46
C ASN A 347 16.18 13.42 5.43
N LEU A 348 15.63 12.58 6.29
CA LEU A 348 14.20 12.35 6.37
C LEU A 348 13.35 13.59 6.63
N TYR A 349 13.91 14.58 7.31
CA TYR A 349 13.12 15.77 7.57
C TYR A 349 13.00 16.61 6.30
N VAL A 350 14.06 16.63 5.51
CA VAL A 350 14.04 17.37 4.25
C VAL A 350 13.05 16.68 3.30
N LEU A 351 13.19 15.36 3.15
CA LEU A 351 12.33 14.61 2.25
C LEU A 351 10.85 14.76 2.62
N ARG A 352 10.57 14.73 3.91
CA ARG A 352 9.19 14.86 4.35
C ARG A 352 8.62 16.20 3.84
N LEU A 353 9.38 17.27 3.99
CA LEU A 353 8.95 18.58 3.54
C LEU A 353 8.78 18.66 2.04
N LEU A 354 9.69 18.03 1.30
CA LEU A 354 9.61 18.05 -0.15
C LEU A 354 8.36 17.32 -0.62
N SER A 355 8.09 16.16 -0.03
CA SER A 355 6.92 15.41 -0.46
C SER A 355 5.68 16.23 -0.15
N ILE A 356 5.59 16.78 1.06
CA ILE A 356 4.41 17.57 1.39
C ILE A 356 4.27 18.79 0.49
N ALA A 357 5.34 19.57 0.36
CA ALA A 357 5.30 20.76 -0.48
C ALA A 357 4.87 20.41 -1.89
N SER A 358 5.45 19.35 -2.42
CA SER A 358 5.17 18.93 -3.77
C SER A 358 3.71 18.51 -3.95
N GLU A 359 3.15 17.83 -2.95
CA GLU A 359 1.75 17.40 -3.03
C GLU A 359 0.80 18.59 -3.08
N VAL A 360 0.89 19.46 -2.05
CA VAL A 360 0.02 20.62 -1.96
C VAL A 360 0.17 21.56 -3.14
N LEU A 361 1.41 21.86 -3.53
CA LEU A 361 1.61 22.75 -4.66
C LEU A 361 0.93 22.18 -5.90
N SER A 362 1.04 20.87 -6.10
CA SER A 362 0.40 20.24 -7.25
C SER A 362 -1.11 20.45 -7.14
N TYR A 363 -1.65 20.20 -5.97
CA TYR A 363 -3.09 20.39 -5.76
C TYR A 363 -3.47 21.83 -6.09
N LEU A 364 -2.64 22.78 -5.69
CA LEU A 364 -2.89 24.19 -5.97
C LEU A 364 -2.58 24.52 -7.43
N GLN A 365 -2.21 23.50 -8.18
CA GLN A 365 -1.88 23.66 -9.59
C GLN A 365 -0.68 24.54 -9.91
N ALA A 366 0.21 24.70 -8.95
CA ALA A 366 1.41 25.49 -9.18
C ALA A 366 2.48 24.46 -9.57
N TYR A 367 2.33 23.88 -10.76
CA TYR A 367 3.21 22.84 -11.25
C TYR A 367 4.70 23.16 -11.37
N GLU A 368 5.03 24.40 -11.69
CA GLU A 368 6.44 24.74 -11.83
C GLU A 368 7.17 24.52 -10.50
N GLU A 369 6.67 25.12 -9.41
CA GLU A 369 7.32 24.95 -8.11
C GLU A 369 7.29 23.50 -7.68
N ALA A 370 6.12 22.86 -7.75
CA ALA A 370 6.00 21.47 -7.35
C ALA A 370 7.06 20.58 -8.01
N SER A 371 7.23 20.74 -9.32
CA SER A 371 8.18 19.91 -10.07
C SER A 371 9.64 19.98 -9.58
N HIS A 372 10.02 21.09 -8.97
CA HIS A 372 11.37 21.25 -8.45
C HIS A 372 11.52 20.43 -7.18
N TYR A 373 10.58 20.59 -6.26
CA TYR A 373 10.66 19.82 -5.04
C TYR A 373 10.52 18.35 -5.38
N ALA A 374 9.65 18.04 -6.34
CA ALA A 374 9.42 16.65 -6.74
C ALA A 374 10.70 15.99 -7.23
N ARG A 375 11.47 16.72 -8.03
CA ARG A 375 12.72 16.19 -8.53
C ARG A 375 13.71 15.91 -7.40
N ARG A 376 13.80 16.83 -6.43
CA ARG A 376 14.73 16.67 -5.33
C ARG A 376 14.40 15.46 -4.48
N MET A 377 13.11 15.30 -4.18
CA MET A 377 12.62 14.18 -3.40
C MET A 377 12.96 12.86 -4.07
N VAL A 378 12.72 12.76 -5.38
CA VAL A 378 13.01 11.52 -6.09
C VAL A 378 14.51 11.20 -6.01
N ASP A 379 15.35 12.22 -6.13
CA ASP A 379 16.79 11.98 -6.07
C ASP A 379 17.21 11.48 -4.70
N GLY A 380 16.55 11.97 -3.66
CA GLY A 380 16.86 11.51 -2.32
C GLY A 380 16.31 10.11 -2.14
N TYR A 381 15.08 9.89 -2.56
CA TYR A 381 14.47 8.57 -2.44
C TYR A 381 15.33 7.52 -3.13
N MET A 382 15.87 7.88 -4.28
CA MET A 382 16.68 6.95 -5.05
C MET A 382 17.88 6.43 -4.27
N LYS A 383 18.32 7.19 -3.27
CA LYS A 383 19.48 6.76 -2.51
C LYS A 383 19.13 5.97 -1.26
N LEU A 384 17.83 5.89 -0.96
CA LEU A 384 17.39 5.21 0.25
C LEU A 384 16.62 3.91 0.04
N TYR A 385 15.70 3.96 -0.90
CA TYR A 385 14.86 2.81 -1.17
C TYR A 385 15.52 1.74 -2.00
N HIS A 386 15.00 0.53 -1.87
CA HIS A 386 15.44 -0.57 -2.71
C HIS A 386 14.91 -0.09 -4.08
N HIS A 387 15.69 -0.28 -5.13
CA HIS A 387 15.32 0.19 -6.46
C HIS A 387 14.04 -0.37 -7.06
N ASN A 388 13.51 -1.44 -6.46
CA ASN A 388 12.25 -2.04 -6.94
C ASN A 388 11.12 -1.83 -5.94
N ASN A 389 11.33 -0.93 -4.99
CA ASN A 389 10.32 -0.64 -3.97
C ASN A 389 9.06 0.03 -4.58
N ALA A 390 7.89 -0.48 -4.20
CA ALA A 390 6.61 0.03 -4.70
C ALA A 390 6.33 1.48 -4.33
N GLN A 391 6.75 1.91 -3.15
CA GLN A 391 6.56 3.29 -2.73
C GLN A 391 7.42 4.19 -3.61
N LEU A 392 8.65 3.73 -3.88
CA LEU A 392 9.56 4.48 -4.72
C LEU A 392 8.91 4.61 -6.09
N GLY A 393 8.34 3.51 -6.56
CA GLY A 393 7.70 3.50 -7.87
C GLY A 393 6.55 4.48 -7.96
N MET A 394 5.68 4.46 -6.96
CA MET A 394 4.53 5.36 -6.94
C MET A 394 4.97 6.81 -6.80
N ALA A 395 6.06 7.06 -6.07
CA ALA A 395 6.53 8.41 -5.86
C ALA A 395 7.16 8.96 -7.14
N VAL A 396 7.86 8.11 -7.87
CA VAL A 396 8.48 8.55 -9.10
C VAL A 396 7.42 8.88 -10.15
N MET A 397 6.35 8.10 -10.17
CA MET A 397 5.24 8.31 -11.11
C MET A 397 4.60 9.66 -10.87
N ARG A 398 4.38 9.99 -9.60
CA ARG A 398 3.78 11.26 -9.22
C ARG A 398 4.69 12.43 -9.60
N ALA A 399 5.96 12.34 -9.26
CA ALA A 399 6.90 13.41 -9.58
C ALA A 399 6.96 13.58 -11.09
N GLY A 400 6.82 12.47 -11.80
CA GLY A 400 6.87 12.50 -13.24
C GLY A 400 5.71 13.27 -13.84
N LEU A 401 4.54 13.06 -13.25
CA LEU A 401 3.32 13.73 -13.69
C LEU A 401 3.37 15.22 -13.41
N THR A 402 3.87 15.60 -12.23
CA THR A 402 3.91 17.01 -11.92
C THR A 402 4.82 17.70 -12.92
N ASN A 403 5.96 17.09 -13.22
CA ASN A 403 6.88 17.68 -14.18
C ASN A 403 6.25 17.80 -15.56
N TRP A 404 5.47 16.79 -15.93
CA TRP A 404 4.77 16.77 -17.22
C TRP A 404 3.76 17.92 -17.28
N HIS A 405 2.97 18.08 -16.20
CA HIS A 405 1.97 19.14 -16.13
C HIS A 405 2.60 20.52 -16.21
N ALA A 406 3.84 20.64 -15.75
CA ALA A 406 4.54 21.92 -15.76
C ALA A 406 5.15 22.23 -17.11
N GLY A 407 5.16 21.23 -17.99
CA GLY A 407 5.75 21.42 -19.31
C GLY A 407 7.16 20.86 -19.46
N HIS A 408 7.71 20.27 -18.40
CA HIS A 408 9.05 19.67 -18.46
C HIS A 408 8.92 18.28 -19.00
N ILE A 409 8.70 18.20 -20.29
CA ILE A 409 8.50 16.93 -20.93
C ILE A 409 9.68 15.96 -20.89
N GLU A 410 10.90 16.47 -21.02
CA GLU A 410 12.07 15.59 -21.01
C GLU A 410 12.21 14.89 -19.67
N VAL A 411 12.11 15.65 -18.58
CA VAL A 411 12.23 15.09 -17.25
C VAL A 411 11.01 14.27 -16.90
N GLY A 412 9.85 14.73 -17.37
CA GLY A 412 8.60 14.03 -17.11
C GLY A 412 8.60 12.64 -17.70
N HIS A 413 8.83 12.55 -19.01
CA HIS A 413 8.85 11.26 -19.67
C HIS A 413 9.88 10.31 -19.04
N GLY A 414 11.06 10.83 -18.72
CA GLY A 414 12.09 10.00 -18.09
C GLY A 414 11.60 9.36 -16.79
N MET A 415 11.06 10.18 -15.90
CA MET A 415 10.56 9.69 -14.63
C MET A 415 9.43 8.69 -14.83
N ILE A 416 8.51 9.03 -15.73
CA ILE A 416 7.40 8.15 -16.04
C ILE A 416 7.92 6.80 -16.50
N CYS A 417 8.96 6.81 -17.32
CA CYS A 417 9.55 5.57 -17.81
C CYS A 417 10.20 4.80 -16.67
N LYS A 418 10.88 5.51 -15.77
CA LYS A 418 11.50 4.82 -14.64
C LYS A 418 10.39 4.21 -13.74
N ALA A 419 9.30 4.93 -13.55
CA ALA A 419 8.23 4.44 -12.71
C ALA A 419 7.61 3.20 -13.36
N TYR A 420 7.40 3.28 -14.66
CA TYR A 420 6.80 2.15 -15.34
C TYR A 420 7.65 0.91 -15.12
N ALA A 421 8.97 1.05 -15.26
CA ALA A 421 9.88 -0.08 -15.06
C ALA A 421 9.70 -0.67 -13.64
N ILE A 422 9.65 0.18 -12.62
CA ILE A 422 9.48 -0.29 -11.25
C ILE A 422 8.12 -0.99 -11.07
N LEU A 423 7.05 -0.34 -11.54
CA LEU A 423 5.73 -0.92 -11.40
C LEU A 423 5.55 -2.28 -12.09
N LEU A 424 6.31 -2.53 -13.14
CA LEU A 424 6.22 -3.81 -13.86
C LEU A 424 6.69 -4.93 -12.95
N VAL A 425 7.56 -4.60 -12.00
CA VAL A 425 8.05 -5.56 -11.02
C VAL A 425 7.05 -5.67 -9.85
N THR A 426 6.66 -4.53 -9.29
CA THR A 426 5.78 -4.55 -8.13
C THR A 426 4.29 -4.75 -8.33
N HIS A 427 3.76 -4.23 -9.43
CA HIS A 427 2.34 -4.35 -9.70
C HIS A 427 1.99 -5.31 -10.85
N GLY A 428 2.89 -5.45 -11.81
CA GLY A 428 2.59 -6.31 -12.94
C GLY A 428 1.90 -5.54 -14.06
N PRO A 429 1.98 -6.01 -15.32
CA PRO A 429 1.37 -5.38 -16.50
C PRO A 429 -0.14 -5.23 -16.44
N SER A 430 -0.80 -6.16 -15.73
CA SER A 430 -2.26 -6.15 -15.66
C SER A 430 -2.88 -5.32 -14.56
N HIS A 431 -2.07 -4.81 -13.63
CA HIS A 431 -2.65 -4.01 -12.56
C HIS A 431 -3.23 -2.71 -13.11
N PRO A 432 -4.34 -2.23 -12.54
CA PRO A 432 -4.96 -0.99 -12.99
C PRO A 432 -3.98 0.18 -13.04
N ILE A 433 -3.16 0.31 -11.99
CA ILE A 433 -2.20 1.41 -11.92
C ILE A 433 -1.14 1.31 -12.99
N THR A 434 -0.70 0.09 -13.29
CA THR A 434 0.33 -0.07 -14.30
C THR A 434 -0.21 0.31 -15.67
N LYS A 435 -1.48 0.02 -15.91
CA LYS A 435 -2.10 0.36 -17.20
C LYS A 435 -2.24 1.87 -17.39
N ASP A 436 -2.62 2.59 -16.33
CA ASP A 436 -2.77 4.04 -16.44
C ASP A 436 -1.40 4.69 -16.68
N LEU A 437 -0.36 4.09 -16.13
CA LEU A 437 0.98 4.60 -16.29
C LEU A 437 1.45 4.35 -17.72
N GLU A 438 1.15 3.17 -18.25
CA GLU A 438 1.52 2.81 -19.62
C GLU A 438 0.88 3.77 -20.59
N ALA A 439 -0.38 4.12 -20.32
CA ALA A 439 -1.10 5.07 -21.15
C ALA A 439 -0.40 6.44 -21.07
N MET A 440 0.07 6.77 -19.88
CA MET A 440 0.76 8.05 -19.66
C MET A 440 2.11 8.04 -20.38
N ARG A 441 2.83 6.92 -20.31
CA ARG A 441 4.12 6.82 -20.98
C ARG A 441 3.94 7.01 -22.48
N MET A 442 2.83 6.51 -23.01
CA MET A 442 2.52 6.62 -24.43
C MET A 442 2.30 8.09 -24.81
N GLN A 443 1.56 8.81 -23.99
CA GLN A 443 1.28 10.23 -24.27
C GLN A 443 2.53 11.10 -24.15
N THR A 444 3.39 10.79 -23.19
CA THR A 444 4.61 11.57 -23.02
C THR A 444 5.63 11.27 -24.13
N GLU A 445 5.60 10.04 -24.64
CA GLU A 445 6.52 9.69 -25.72
C GLU A 445 6.17 10.59 -26.91
N MET A 446 4.89 10.61 -27.28
CA MET A 446 4.43 11.41 -28.39
C MET A 446 4.68 12.89 -28.14
N GLU A 447 4.42 13.39 -26.94
CA GLU A 447 4.69 14.80 -26.71
C GLU A 447 6.20 15.05 -26.79
N LEU A 448 7.01 14.09 -26.34
CA LEU A 448 8.47 14.28 -26.40
C LEU A 448 8.95 14.27 -27.83
N ARG A 449 8.36 13.39 -28.63
CA ARG A 449 8.73 13.29 -30.03
C ARG A 449 8.39 14.61 -30.72
N MET A 450 7.23 15.15 -30.39
CA MET A 450 6.79 16.41 -30.96
C MET A 450 7.80 17.49 -30.55
N PHE A 451 8.27 17.42 -29.30
CA PHE A 451 9.24 18.38 -28.77
C PHE A 451 10.57 18.26 -29.52
N ARG A 452 11.03 17.03 -29.73
CA ARG A 452 12.30 16.79 -30.40
C ARG A 452 12.29 17.13 -31.88
N GLN A 453 11.15 16.96 -32.54
CA GLN A 453 11.04 17.28 -33.96
C GLN A 453 11.07 18.81 -34.12
N ASN A 454 10.40 19.51 -33.21
CA ASN A 454 10.38 20.97 -33.24
C ASN A 454 11.83 21.48 -33.25
N GLU A 455 12.67 20.86 -32.42
CA GLU A 455 14.07 21.25 -32.33
C GLU A 455 14.84 20.91 -33.60
N PHE A 456 14.63 19.71 -34.12
CA PHE A 456 15.32 19.28 -35.32
C PHE A 456 14.91 20.13 -36.51
N MET A 457 13.72 20.72 -36.47
CA MET A 457 13.27 21.55 -37.56
C MET A 457 13.98 22.90 -37.52
N TYR A 458 14.30 23.37 -36.32
CA TYR A 458 15.02 24.64 -36.18
C TYR A 458 16.46 24.44 -36.66
N HIS A 459 16.89 23.18 -36.64
CA HIS A 459 18.24 22.84 -37.07
C HIS A 459 18.25 22.73 -38.58
N LYS A 460 17.18 22.25 -39.17
CA LYS A 460 17.12 22.15 -40.63
C LYS A 460 17.01 23.57 -41.19
N MET A 461 16.34 24.44 -40.43
CA MET A 461 16.20 25.84 -40.83
C MET A 461 17.54 26.56 -40.82
N ARG A 462 18.32 26.35 -39.76
CA ARG A 462 19.63 27.00 -39.68
C ARG A 462 20.53 26.45 -40.77
N GLU A 463 20.37 25.17 -41.05
CA GLU A 463 21.15 24.50 -42.07
C GLU A 463 20.93 25.19 -43.42
N ALA A 464 19.69 25.17 -43.91
CA ALA A 464 19.35 25.80 -45.19
C ALA A 464 19.75 27.28 -45.29
N ALA A 465 19.63 28.01 -44.18
CA ALA A 465 19.99 29.43 -44.17
C ALA A 465 21.49 29.63 -44.29
N LEU A 466 22.24 28.55 -44.11
CA LEU A 466 23.69 28.61 -44.18
C LEU A 466 24.23 27.84 -45.37
N ASN A 467 23.39 27.01 -45.98
CA ASN A 467 23.79 26.17 -47.12
C ASN A 467 24.76 25.12 -46.58
N ASN A 468 24.43 24.58 -45.40
CA ASN A 468 25.22 23.59 -44.69
C ASN A 468 26.52 24.19 -44.20
N SFG B . 5.46 -16.19 11.93
CA SFG B . 4.00 -16.16 11.68
C SFG B . 3.17 -17.46 11.91
O SFG B . 2.00 -17.58 11.46
OXT SFG B . 3.65 -18.40 12.55
CB SFG B . 3.86 -15.59 10.23
CG SFG B . 3.59 -14.08 10.12
CD SFG B . 2.37 -13.50 10.92
NE SFG B . 1.43 -12.88 9.95
C5' SFG B . 2.64 -12.35 11.91
C4' SFG B . 3.57 -12.56 13.14
O4' SFG B . 4.84 -13.19 12.89
C3' SFG B . 3.95 -11.27 13.82
O3' SFG B . 2.89 -10.72 14.58
C2' SFG B . 5.16 -11.65 14.66
O2' SFG B . 4.74 -12.19 15.93
C1' SFG B . 5.85 -12.67 13.78
N9 SFG B . 6.98 -12.10 12.99
C8 SFG B . 6.90 -11.57 11.70
N7 SFG B . 8.06 -11.15 11.29
C5 SFG B . 8.95 -11.42 12.33
C6 SFG B . 10.37 -11.17 12.55
N6 SFG B . 11.22 -10.62 11.64
N1 SFG B . 10.95 -11.56 13.75
C2 SFG B . 10.15 -12.12 14.69
N3 SFG B . 8.82 -12.38 14.60
C4 SFG B . 8.27 -11.97 13.41
O1 MES C . -13.87 -25.32 11.96
C2 MES C . -14.62 -26.47 12.42
C3 MES C . -15.62 -26.03 13.51
N4 MES C . -14.85 -25.46 14.65
C5 MES C . -14.07 -24.29 14.15
C6 MES C . -13.11 -24.75 13.05
C7 MES C . -15.79 -25.02 15.71
C8 MES C . -15.03 -24.45 16.92
S MES C . -16.21 -23.92 18.20
O1S MES C . -17.03 -25.05 18.61
O2S MES C . -17.07 -22.87 17.64
O3S MES C . -15.49 -23.38 19.34
C1 GOL D . -11.16 2.34 8.76
O1 GOL D . -9.84 2.82 9.15
C2 GOL D . -12.27 3.52 8.85
O2 GOL D . -11.88 4.43 7.78
C3 GOL D . -13.59 2.91 8.50
O3 GOL D . -14.59 3.93 8.73
C1 GOL E . -14.31 10.03 1.59
O1 GOL E . -13.00 9.58 1.10
C2 GOL E . -15.10 10.94 0.50
O2 GOL E . -15.40 10.03 -0.61
C3 GOL E . -16.39 11.37 1.13
O3 GOL E . -16.98 12.27 0.14
ZN ZN F . -17.02 -3.94 -8.43
ZN ZN G . -28.34 -6.39 0.73
ZN ZN H . 14.32 -4.45 10.72
#